data_7YBB
#
_entry.id   7YBB
#
_cell.length_a   87.457
_cell.length_b   123.608
_cell.length_c   50.183
_cell.angle_alpha   90.000
_cell.angle_beta   90.000
_cell.angle_gamma   90.000
#
_symmetry.space_group_name_H-M   'P 21 21 21'
#
loop_
_entity.id
_entity.type
_entity.pdbx_description
1 polymer 'Aspartyl/asparaginyl beta-hydroxylase'
2 polymer 'Coagulation factor X'
3 non-polymer 'MANGANESE (II) ION'
4 non-polymer '(2~{R})-2-oxidanyl-4-oxidanylidene-pentanedioic acid'
5 water water
#
loop_
_entity_poly.entity_id
_entity_poly.type
_entity_poly.pdbx_seq_one_letter_code
_entity_poly.pdbx_strand_id
1 'polypeptide(L)'
;KPKLLNKFDKTIKAELDAAEKLRKRGKIEEAVNAFKELVRKYPQSPRARYGKAQCEDDLAEKRRSNEVLRGAIETYQEVA
SLPDVPADLLKLSLKRRSDRQQFLGHMRGSLLTLQRLVQLFPNDTSLKNDLGVGYLLIGDNDNAKKVYEEVLSVTPNDGF
AKVHYGFILKAQNKIAESIPYLKEGIESGDPGTDDGRFYFHLGDAMQRVGNKEAYKWYELGHKRGHFASVWQRSLYNVNG
LKAQPWWTPKETGYTELVKSLERNWKLIRDEGLAVMDKAKGLFLPEDENLREKGDWSQFTLWQQGRRNENACKGAPKTCT
LLEKFPETTGCRRGQIKYSIMHPGTHVWPHTGPTNCRLRMHLGLVIPKEGCKIRCANETKTWEEGKVLIFDDSFEHEVWQ
DASSFRLIFIVDVWHPELTPQQRRSLPAI
;
A
2 'polypeptide(L)' DGDQSETSPSQNQGKCKDGLGEYTCTSLEGFEGKNSELF B
#
# COMPACT_ATOMS: atom_id res chain seq x y z
N LYS A 1 -30.27 -20.04 -1.81
CA LYS A 1 -29.78 -19.77 -3.16
C LYS A 1 -28.54 -20.61 -3.45
N PRO A 2 -27.49 -20.51 -2.62
CA PRO A 2 -26.34 -21.42 -2.77
C PRO A 2 -26.69 -22.81 -2.27
N LYS A 3 -26.56 -23.82 -3.13
CA LYS A 3 -26.82 -25.19 -2.69
C LYS A 3 -25.50 -25.76 -2.17
N LEU A 4 -25.45 -25.96 -0.87
CA LEU A 4 -24.26 -26.42 -0.21
C LEU A 4 -24.34 -27.85 0.31
N LEU A 5 -25.44 -28.56 0.07
CA LEU A 5 -25.65 -29.89 0.63
C LEU A 5 -25.69 -30.93 -0.47
N ASN A 6 -24.78 -31.89 -0.41
CA ASN A 6 -24.81 -33.02 -1.31
C ASN A 6 -25.85 -34.03 -0.83
N LYS A 7 -26.00 -35.11 -1.60
CA LYS A 7 -27.08 -36.05 -1.37
C LYS A 7 -27.07 -36.52 0.07
N PHE A 8 -25.89 -36.88 0.61
CA PHE A 8 -25.88 -37.38 2.00
C PHE A 8 -26.13 -36.26 3.00
N ASP A 9 -25.64 -35.06 2.73
CA ASP A 9 -25.78 -33.98 3.71
C ASP A 9 -27.24 -33.59 3.91
N LYS A 10 -28.06 -33.75 2.88
CA LYS A 10 -29.49 -33.52 3.00
C LYS A 10 -30.11 -34.45 4.02
N THR A 11 -29.54 -35.66 4.20
CA THR A 11 -30.14 -36.61 5.12
C THR A 11 -29.74 -36.31 6.56
N ILE A 12 -28.80 -35.40 6.77
CA ILE A 12 -28.45 -34.93 8.10
C ILE A 12 -28.64 -33.43 8.22
N LYS A 13 -29.44 -32.84 7.35
CA LYS A 13 -29.63 -31.39 7.35
C LYS A 13 -30.04 -30.87 8.73
N ALA A 14 -30.87 -31.60 9.45
CA ALA A 14 -31.32 -31.10 10.75
C ALA A 14 -30.16 -30.97 11.73
N GLU A 15 -29.25 -31.93 11.76
CA GLU A 15 -28.12 -31.80 12.68
C GLU A 15 -27.17 -30.70 12.23
N LEU A 16 -27.10 -30.49 10.95
CA LEU A 16 -26.20 -29.47 10.43
C LEU A 16 -26.71 -28.08 10.76
N ASP A 17 -28.02 -27.84 10.59
CA ASP A 17 -28.59 -26.52 10.90
C ASP A 17 -28.51 -26.22 12.38
N ALA A 18 -28.64 -27.24 13.23
CA ALA A 18 -28.51 -27.04 14.68
C ALA A 18 -27.14 -26.47 15.04
N ALA A 19 -26.08 -27.10 14.54
CA ALA A 19 -24.75 -26.57 14.82
C ALA A 19 -24.56 -25.20 14.18
N GLU A 20 -25.10 -24.99 13.00
CA GLU A 20 -24.94 -23.67 12.39
C GLU A 20 -25.74 -22.61 13.15
N LYS A 21 -26.94 -22.97 13.61
CA LYS A 21 -27.69 -22.07 14.48
C LYS A 21 -26.81 -21.60 15.62
N LEU A 22 -26.12 -22.52 16.29
CA LEU A 22 -25.25 -22.13 17.40
C LEU A 22 -24.21 -21.10 16.97
N ARG A 23 -23.63 -21.27 15.80
CA ARG A 23 -22.56 -20.37 15.38
C ARG A 23 -23.11 -18.97 15.16
N LYS A 24 -24.25 -18.87 14.48
CA LYS A 24 -24.81 -17.54 14.24
C LYS A 24 -25.30 -16.89 15.54
N ARG A 25 -25.76 -17.69 16.51
CA ARG A 25 -26.04 -17.16 17.83
C ARG A 25 -24.77 -16.73 18.56
N GLY A 26 -23.62 -16.83 17.91
CA GLY A 26 -22.37 -16.46 18.56
C GLY A 26 -21.84 -17.46 19.56
N LYS A 27 -22.55 -18.57 19.78
CA LYS A 27 -22.15 -19.60 20.75
C LYS A 27 -21.04 -20.43 20.10
N ILE A 28 -19.82 -19.85 20.08
CA ILE A 28 -18.77 -20.32 19.20
C ILE A 28 -18.19 -21.64 19.67
N GLU A 29 -17.91 -21.79 20.97
CA GLU A 29 -17.30 -23.04 21.43
C GLU A 29 -18.30 -24.19 21.47
N GLU A 30 -19.57 -23.92 21.78
CA GLU A 30 -20.57 -24.97 21.62
C GLU A 30 -20.67 -25.42 20.16
N ALA A 31 -20.56 -24.46 19.25
CA ALA A 31 -20.68 -24.76 17.82
C ALA A 31 -19.47 -25.50 17.29
N VAL A 32 -18.28 -25.18 17.82
CA VAL A 32 -17.08 -25.91 17.47
C VAL A 32 -17.22 -27.37 17.86
N ASN A 33 -17.62 -27.64 19.11
CA ASN A 33 -17.78 -29.04 19.51
C ASN A 33 -18.83 -29.73 18.66
N ALA A 34 -19.90 -29.03 18.32
CA ALA A 34 -20.97 -29.68 17.56
C ALA A 34 -20.51 -30.05 16.16
N PHE A 35 -19.76 -29.17 15.50
CA PHE A 35 -19.27 -29.54 14.17
C PHE A 35 -18.15 -30.57 14.24
N LYS A 36 -17.37 -30.58 15.33
CA LYS A 36 -16.43 -31.67 15.52
C LYS A 36 -17.16 -33.01 15.65
N GLU A 37 -18.16 -33.08 16.51
CA GLU A 37 -18.98 -34.27 16.59
C GLU A 37 -19.48 -34.70 15.22
N LEU A 38 -20.11 -33.81 14.48
CA LEU A 38 -20.56 -34.17 13.14
C LEU A 38 -19.39 -34.65 12.27
N VAL A 39 -18.23 -34.03 12.42
CA VAL A 39 -17.11 -34.43 11.58
C VAL A 39 -16.65 -35.81 11.95
N ARG A 40 -16.57 -36.11 13.25
CA ARG A 40 -16.10 -37.43 13.64
C ARG A 40 -17.11 -38.48 13.22
N LYS A 41 -18.40 -38.17 13.30
CA LYS A 41 -19.43 -39.12 12.95
C LYS A 41 -19.72 -39.17 11.46
N TYR A 42 -19.48 -38.08 10.75
CA TYR A 42 -19.65 -38.06 9.29
C TYR A 42 -18.40 -37.43 8.70
N PRO A 43 -17.25 -38.13 8.77
CA PRO A 43 -15.98 -37.51 8.36
C PRO A 43 -15.93 -37.20 6.88
N GLN A 44 -16.91 -37.64 6.08
CA GLN A 44 -16.90 -37.29 4.67
C GLN A 44 -17.83 -36.14 4.34
N SER A 45 -18.48 -35.56 5.32
CA SER A 45 -19.52 -34.57 5.06
C SER A 45 -18.92 -33.22 4.70
N PRO A 46 -19.10 -32.72 3.48
CA PRO A 46 -18.54 -31.39 3.17
C PRO A 46 -19.12 -30.28 4.02
N ARG A 47 -20.45 -30.26 4.22
CA ARG A 47 -21.07 -29.20 5.00
C ARG A 47 -20.64 -29.23 6.45
N ALA A 48 -20.47 -30.42 7.01
CA ALA A 48 -19.92 -30.48 8.36
C ALA A 48 -18.52 -29.86 8.41
N ARG A 49 -17.64 -30.21 7.46
CA ARG A 49 -16.25 -29.77 7.53
C ARG A 49 -16.15 -28.26 7.33
N TYR A 50 -16.99 -27.72 6.43
CA TYR A 50 -17.09 -26.27 6.26
C TYR A 50 -17.58 -25.62 7.54
N GLY A 51 -18.54 -26.24 8.20
CA GLY A 51 -18.99 -25.72 9.48
C GLY A 51 -17.83 -25.60 10.45
N LYS A 52 -17.03 -26.65 10.56
CA LYS A 52 -15.87 -26.58 11.44
C LYS A 52 -14.92 -25.46 11.02
N ALA A 53 -14.73 -25.28 9.70
CA ALA A 53 -13.83 -24.23 9.23
C ALA A 53 -14.35 -22.84 9.60
N GLN A 54 -15.65 -22.63 9.42
CA GLN A 54 -16.22 -21.33 9.74
C GLN A 54 -16.19 -21.05 11.23
N CYS A 55 -16.40 -22.08 12.05
CA CYS A 55 -16.24 -21.88 13.48
C CYS A 55 -14.82 -21.51 13.84
N GLU A 56 -13.83 -22.19 13.26
CA GLU A 56 -12.44 -21.88 13.58
C GLU A 56 -12.07 -20.50 13.13
N ASP A 57 -12.61 -20.06 11.98
CA ASP A 57 -12.49 -18.69 11.49
C ASP A 57 -13.05 -17.68 12.48
N ASP A 58 -14.30 -17.86 12.91
CA ASP A 58 -14.88 -16.98 13.91
C ASP A 58 -14.08 -17.00 15.21
N LEU A 59 -13.60 -18.18 15.61
CA LEU A 59 -12.78 -18.24 16.82
C LEU A 59 -11.47 -17.46 16.64
N ALA A 60 -10.84 -17.56 15.47
CA ALA A 60 -9.64 -16.76 15.23
C ALA A 60 -9.93 -15.28 15.35
N GLU A 61 -11.13 -14.85 15.02
CA GLU A 61 -11.50 -13.45 15.23
C GLU A 61 -11.73 -13.17 16.72
N LYS A 62 -12.52 -14.02 17.39
CA LYS A 62 -12.75 -13.82 18.82
C LYS A 62 -11.42 -13.67 19.57
N ARG A 63 -10.42 -14.47 19.20
CA ARG A 63 -9.16 -14.49 19.92
C ARG A 63 -8.06 -13.67 19.24
N ARG A 64 -8.30 -13.13 18.06
CA ARG A 64 -7.26 -12.45 17.28
C ARG A 64 -5.99 -13.30 17.23
N SER A 65 -6.12 -14.55 16.76
CA SER A 65 -5.03 -15.50 16.79
C SER A 65 -4.70 -16.00 15.41
N ASN A 66 -3.45 -15.77 14.98
CA ASN A 66 -3.01 -16.26 13.69
C ASN A 66 -2.93 -17.78 13.65
N GLU A 67 -2.55 -18.43 14.76
CA GLU A 67 -2.47 -19.89 14.77
C GLU A 67 -3.83 -20.51 14.55
N VAL A 68 -4.86 -19.99 15.21
CA VAL A 68 -6.21 -20.52 15.00
C VAL A 68 -6.64 -20.31 13.55
N LEU A 69 -6.30 -19.16 12.96
CA LEU A 69 -6.66 -18.95 11.57
C LEU A 69 -5.89 -19.90 10.68
N ARG A 70 -4.66 -20.24 11.04
CA ARG A 70 -3.91 -21.21 10.25
C ARG A 70 -4.63 -22.57 10.21
N GLY A 71 -5.30 -22.94 11.31
CA GLY A 71 -6.04 -24.18 11.29
C GLY A 71 -7.28 -24.07 10.43
N ALA A 72 -8.01 -22.95 10.57
CA ALA A 72 -9.17 -22.74 9.71
C ALA A 72 -8.80 -22.86 8.25
N ILE A 73 -7.64 -22.31 7.88
CA ILE A 73 -7.21 -22.34 6.49
C ILE A 73 -7.01 -23.77 6.03
N GLU A 74 -6.50 -24.66 6.89
CA GLU A 74 -6.33 -26.05 6.47
C GLU A 74 -7.69 -26.74 6.33
N THR A 75 -8.61 -26.47 7.25
CA THR A 75 -9.92 -27.09 7.15
C THR A 75 -10.67 -26.66 5.90
N TYR A 76 -10.61 -25.37 5.53
CA TYR A 76 -11.20 -24.96 4.25
C TYR A 76 -10.62 -25.81 3.11
N GLN A 77 -9.32 -26.07 3.12
CA GLN A 77 -8.75 -27.03 2.16
C GLN A 77 -9.37 -28.42 2.30
N GLU A 78 -9.52 -28.93 3.51
CA GLU A 78 -10.10 -30.26 3.66
C GLU A 78 -11.46 -30.35 2.98
N VAL A 79 -12.28 -29.30 3.11
CA VAL A 79 -13.60 -29.33 2.47
C VAL A 79 -13.45 -29.71 1.01
N ALA A 80 -12.46 -29.10 0.35
CA ALA A 80 -12.26 -29.32 -1.08
C ALA A 80 -11.71 -30.70 -1.41
N SER A 81 -11.06 -31.35 -0.43
CA SER A 81 -10.53 -32.68 -0.68
C SER A 81 -11.59 -33.76 -0.57
N LEU A 82 -12.76 -33.48 -0.05
CA LEU A 82 -13.74 -34.55 0.20
C LEU A 82 -14.50 -34.88 -1.06
N PRO A 83 -15.23 -36.00 -1.07
CA PRO A 83 -15.96 -36.40 -2.28
C PRO A 83 -17.28 -35.69 -2.41
N ASP A 84 -17.67 -35.46 -3.66
CA ASP A 84 -19.04 -35.05 -3.92
C ASP A 84 -19.33 -33.69 -3.29
N VAL A 85 -18.36 -32.78 -3.32
CA VAL A 85 -18.57 -31.45 -2.75
C VAL A 85 -19.36 -30.58 -3.73
N PRO A 86 -20.49 -29.98 -3.34
CA PRO A 86 -21.23 -29.13 -4.29
C PRO A 86 -20.41 -27.92 -4.71
N ALA A 87 -20.55 -27.55 -5.99
CA ALA A 87 -19.70 -26.52 -6.58
C ALA A 87 -19.78 -25.20 -5.80
N ASP A 88 -20.98 -24.84 -5.35
CA ASP A 88 -21.15 -23.63 -4.57
C ASP A 88 -20.32 -23.68 -3.31
N LEU A 89 -20.24 -24.86 -2.70
CA LEU A 89 -19.54 -24.99 -1.43
C LEU A 89 -18.03 -25.03 -1.66
N LEU A 90 -17.60 -25.73 -2.70
CA LEU A 90 -16.17 -25.76 -3.01
C LEU A 90 -15.63 -24.35 -3.23
N LYS A 91 -16.40 -23.54 -3.95
CA LYS A 91 -15.99 -22.20 -4.32
C LYS A 91 -15.98 -21.29 -3.10
N LEU A 92 -17.03 -21.37 -2.27
CA LEU A 92 -17.06 -20.58 -1.05
C LEU A 92 -15.88 -20.89 -0.16
N SER A 93 -15.56 -22.18 -0.03
CA SER A 93 -14.51 -22.59 0.90
C SER A 93 -13.11 -22.20 0.40
N LEU A 94 -12.78 -22.48 -0.87
CA LEU A 94 -11.48 -22.08 -1.37
C LEU A 94 -11.36 -20.57 -1.47
N LYS A 95 -12.43 -19.86 -1.85
CA LYS A 95 -12.36 -18.41 -1.89
C LYS A 95 -11.98 -17.87 -0.52
N ARG A 96 -12.61 -18.38 0.54
CA ARG A 96 -12.33 -17.83 1.86
C ARG A 96 -10.96 -18.24 2.34
N ARG A 97 -10.52 -19.43 1.98
CA ARG A 97 -9.15 -19.83 2.27
C ARG A 97 -8.17 -18.80 1.74
N SER A 98 -8.27 -18.48 0.44
CA SER A 98 -7.40 -17.47 -0.19
C SER A 98 -7.48 -16.11 0.50
N ASP A 99 -8.68 -15.71 0.88
CA ASP A 99 -8.84 -14.42 1.54
C ASP A 99 -8.11 -14.41 2.87
N ARG A 100 -8.23 -15.52 3.60
CA ARG A 100 -7.59 -15.55 4.90
C ARG A 100 -6.09 -15.78 4.77
N GLN A 101 -5.65 -16.47 3.73
CA GLN A 101 -4.21 -16.57 3.48
C GLN A 101 -3.60 -15.19 3.23
N GLN A 102 -4.29 -14.36 2.42
CA GLN A 102 -3.82 -13.01 2.18
C GLN A 102 -3.80 -12.20 3.47
N PHE A 103 -4.87 -12.31 4.28
CA PHE A 103 -4.93 -11.56 5.53
C PHE A 103 -3.75 -11.86 6.43
N LEU A 104 -3.29 -13.11 6.44
CA LEU A 104 -2.10 -13.42 7.21
C LEU A 104 -0.84 -12.99 6.51
N GLY A 105 -0.88 -12.83 5.19
CA GLY A 105 0.29 -12.50 4.43
C GLY A 105 0.90 -13.65 3.68
N HIS A 106 0.21 -14.77 3.57
CA HIS A 106 0.72 -15.92 2.82
C HIS A 106 0.48 -15.77 1.32
N MET A 107 0.86 -14.63 0.75
CA MET A 107 0.39 -14.32 -0.59
C MET A 107 0.78 -15.38 -1.61
N ARG A 108 1.81 -16.15 -1.36
CA ARG A 108 2.14 -17.23 -2.29
C ARG A 108 1.19 -18.43 -2.17
N GLY A 109 0.74 -18.73 -0.95
CA GLY A 109 -0.28 -19.73 -0.79
C GLY A 109 -1.60 -19.32 -1.39
N SER A 110 -2.01 -18.07 -1.14
CA SER A 110 -3.19 -17.50 -1.79
C SER A 110 -3.13 -17.73 -3.28
N LEU A 111 -1.96 -17.54 -3.88
CA LEU A 111 -1.89 -17.66 -5.33
C LEU A 111 -2.11 -19.08 -5.80
N LEU A 112 -1.54 -20.05 -5.10
CA LEU A 112 -1.83 -21.44 -5.44
C LEU A 112 -3.31 -21.75 -5.29
N THR A 113 -3.93 -21.29 -4.19
CA THR A 113 -5.36 -21.50 -4.03
C THR A 113 -6.13 -20.91 -5.20
N LEU A 114 -5.80 -19.66 -5.56
CA LEU A 114 -6.49 -18.99 -6.67
C LEU A 114 -6.29 -19.70 -7.99
N GLN A 115 -5.06 -20.17 -8.27
CA GLN A 115 -4.86 -20.92 -9.51
C GLN A 115 -5.72 -22.18 -9.54
N ARG A 116 -5.86 -22.84 -8.41
CA ARG A 116 -6.72 -24.01 -8.37
C ARG A 116 -8.16 -23.62 -8.70
N LEU A 117 -8.63 -22.51 -8.11
CA LEU A 117 -10.00 -22.06 -8.32
C LEU A 117 -10.26 -21.78 -9.79
N VAL A 118 -9.29 -21.22 -10.49
CA VAL A 118 -9.51 -20.89 -11.88
C VAL A 118 -9.55 -22.17 -12.69
N GLN A 119 -8.70 -23.14 -12.34
CA GLN A 119 -8.77 -24.43 -13.01
C GLN A 119 -10.13 -25.08 -12.80
N LEU A 120 -10.63 -25.08 -11.57
CA LEU A 120 -11.90 -25.74 -11.31
C LEU A 120 -13.07 -25.00 -11.92
N PHE A 121 -13.00 -23.67 -12.05
CA PHE A 121 -14.14 -22.87 -12.50
C PHE A 121 -13.69 -21.96 -13.64
N PRO A 122 -13.48 -22.53 -14.84
CA PRO A 122 -12.83 -21.77 -15.92
C PRO A 122 -13.71 -20.73 -16.57
N ASN A 123 -15.01 -20.72 -16.30
CA ASN A 123 -15.87 -19.69 -16.89
C ASN A 123 -16.19 -18.56 -15.93
N ASP A 124 -15.68 -18.62 -14.71
CA ASP A 124 -15.92 -17.61 -13.70
C ASP A 124 -14.88 -16.52 -13.90
N THR A 125 -15.33 -15.39 -14.47
CA THR A 125 -14.46 -14.23 -14.69
C THR A 125 -13.99 -13.62 -13.37
N SER A 126 -14.85 -13.55 -12.36
CA SER A 126 -14.44 -12.90 -11.11
C SER A 126 -13.28 -13.63 -10.45
N LEU A 127 -13.16 -14.93 -10.63
CA LEU A 127 -12.04 -15.62 -10.03
C LEU A 127 -10.76 -15.31 -10.79
N LYS A 128 -10.82 -15.29 -12.13
CA LYS A 128 -9.64 -14.90 -12.88
C LYS A 128 -9.20 -13.51 -12.48
N ASN A 129 -10.16 -12.61 -12.22
CA ASN A 129 -9.84 -11.27 -11.73
C ASN A 129 -9.22 -11.34 -10.34
N ASP A 130 -9.73 -12.21 -9.48
CA ASP A 130 -9.12 -12.34 -8.17
C ASP A 130 -7.71 -12.87 -8.32
N LEU A 131 -7.49 -13.74 -9.27
CA LEU A 131 -6.14 -14.26 -9.45
C LEU A 131 -5.19 -13.13 -9.83
N GLY A 132 -5.65 -12.24 -10.71
CA GLY A 132 -4.87 -11.04 -11.02
C GLY A 132 -4.42 -10.30 -9.79
N VAL A 133 -5.35 -10.06 -8.85
CA VAL A 133 -5.01 -9.39 -7.58
C VAL A 133 -3.99 -10.20 -6.80
N GLY A 134 -4.13 -11.53 -6.84
CA GLY A 134 -3.13 -12.35 -6.19
C GLY A 134 -1.75 -11.99 -6.67
N TYR A 135 -1.58 -11.93 -8.00
CA TYR A 135 -0.26 -11.67 -8.59
C TYR A 135 0.19 -10.26 -8.30
N LEU A 136 -0.73 -9.29 -8.35
CA LEU A 136 -0.40 -7.93 -7.95
C LEU A 136 0.12 -7.89 -6.52
N LEU A 137 -0.44 -8.73 -5.64
CA LEU A 137 -0.14 -8.63 -4.23
C LEU A 137 1.21 -9.21 -3.90
N ILE A 138 1.79 -9.99 -4.80
CA ILE A 138 3.18 -10.40 -4.63
C ILE A 138 4.10 -9.65 -5.59
N GLY A 139 3.62 -8.54 -6.16
CA GLY A 139 4.42 -7.76 -7.09
C GLY A 139 4.79 -8.48 -8.37
N ASP A 140 3.97 -9.42 -8.86
CA ASP A 140 4.22 -10.00 -10.17
C ASP A 140 3.30 -9.38 -11.21
N ASN A 141 3.68 -8.18 -11.63
CA ASN A 141 2.79 -7.38 -12.49
C ASN A 141 2.75 -7.93 -13.93
N ASP A 142 3.77 -8.68 -14.34
CA ASP A 142 3.76 -9.29 -15.67
C ASP A 142 2.75 -10.43 -15.76
N ASN A 143 2.66 -11.28 -14.74
CA ASN A 143 1.61 -12.31 -14.76
C ASN A 143 0.25 -11.70 -14.47
N ALA A 144 0.18 -10.67 -13.63
CA ALA A 144 -1.11 -10.03 -13.45
C ALA A 144 -1.61 -9.46 -14.78
N LYS A 145 -0.71 -8.80 -15.53
CA LYS A 145 -1.09 -8.22 -16.80
C LYS A 145 -1.67 -9.28 -17.71
N LYS A 146 -0.98 -10.43 -17.84
CA LYS A 146 -1.48 -11.47 -18.73
C LYS A 146 -2.86 -11.93 -18.30
N VAL A 147 -3.11 -11.96 -17.00
CA VAL A 147 -4.40 -12.43 -16.51
C VAL A 147 -5.52 -11.48 -16.94
N TYR A 148 -5.31 -10.18 -16.76
CA TYR A 148 -6.39 -9.28 -17.15
C TYR A 148 -6.52 -9.13 -18.66
N GLU A 149 -5.46 -9.44 -19.40
CA GLU A 149 -5.54 -9.49 -20.87
C GLU A 149 -6.41 -10.66 -21.34
N GLU A 150 -6.18 -11.86 -20.79
CA GLU A 150 -7.13 -12.96 -20.94
C GLU A 150 -8.58 -12.56 -20.64
N VAL A 151 -8.81 -11.94 -19.49
CA VAL A 151 -10.17 -11.61 -19.14
C VAL A 151 -10.79 -10.63 -20.12
N LEU A 152 -9.99 -9.69 -20.64
CA LEU A 152 -10.56 -8.63 -21.48
C LEU A 152 -10.79 -9.11 -22.90
N SER A 153 -10.04 -10.12 -23.35
CA SER A 153 -10.36 -10.80 -24.60
C SER A 153 -11.79 -11.31 -24.57
N VAL A 154 -12.18 -12.00 -23.50
CA VAL A 154 -13.49 -12.62 -23.46
C VAL A 154 -14.58 -11.61 -23.11
N THR A 155 -14.31 -10.71 -22.17
CA THR A 155 -15.31 -9.76 -21.67
C THR A 155 -14.70 -8.36 -21.72
N PRO A 156 -14.65 -7.76 -22.90
CA PRO A 156 -13.99 -6.44 -23.04
C PRO A 156 -14.51 -5.38 -22.11
N ASN A 157 -15.74 -5.48 -21.59
CA ASN A 157 -16.31 -4.41 -20.79
C ASN A 157 -16.38 -4.77 -19.31
N ASP A 158 -15.69 -5.83 -18.91
CA ASP A 158 -15.45 -6.11 -17.50
C ASP A 158 -14.64 -4.97 -16.91
N GLY A 159 -15.28 -4.11 -16.13
CA GLY A 159 -14.62 -2.92 -15.63
C GLY A 159 -13.54 -3.19 -14.60
N PHE A 160 -13.75 -4.19 -13.72
CA PHE A 160 -12.71 -4.56 -12.76
C PHE A 160 -11.40 -4.86 -13.47
N ALA A 161 -11.47 -5.59 -14.57
CA ALA A 161 -10.26 -5.90 -15.32
C ALA A 161 -9.73 -4.68 -16.03
N LYS A 162 -10.61 -3.73 -16.37
CA LYS A 162 -10.17 -2.52 -17.05
C LYS A 162 -9.45 -1.57 -16.10
N VAL A 163 -9.92 -1.39 -14.87
CA VAL A 163 -9.17 -0.52 -13.95
C VAL A 163 -7.87 -1.18 -13.51
N HIS A 164 -7.88 -2.50 -13.26
CA HIS A 164 -6.64 -3.19 -12.93
C HIS A 164 -5.69 -3.23 -14.12
N TYR A 165 -6.20 -3.35 -15.34
CA TYR A 165 -5.30 -3.29 -16.49
C TYR A 165 -4.72 -1.90 -16.65
N GLY A 166 -5.54 -0.88 -16.48
CA GLY A 166 -5.05 0.47 -16.49
C GLY A 166 -3.96 0.71 -15.45
N PHE A 167 -4.24 0.32 -14.20
CA PHE A 167 -3.29 0.49 -13.11
C PHE A 167 -1.94 -0.08 -13.50
N ILE A 168 -1.93 -1.24 -14.17
CA ILE A 168 -0.67 -1.89 -14.52
C ILE A 168 0.02 -1.12 -15.62
N LEU A 169 -0.75 -0.72 -16.64
CA LEU A 169 -0.19 0.08 -17.71
C LEU A 169 0.47 1.33 -17.13
N LYS A 170 -0.27 2.03 -16.27
CA LYS A 170 0.25 3.24 -15.68
C LYS A 170 1.53 2.98 -14.90
N ALA A 171 1.58 1.88 -14.15
CA ALA A 171 2.79 1.55 -13.40
C ALA A 171 3.97 1.26 -14.32
N GLN A 172 3.71 0.83 -15.56
CA GLN A 172 4.75 0.64 -16.54
C GLN A 172 5.05 1.91 -17.33
N ASN A 173 4.53 3.06 -16.90
CA ASN A 173 4.74 4.34 -17.56
C ASN A 173 4.10 4.41 -18.94
N LYS A 174 3.01 3.67 -19.15
CA LYS A 174 2.16 3.80 -20.35
C LYS A 174 0.98 4.71 -20.04
N ILE A 175 1.32 5.98 -19.84
CA ILE A 175 0.37 6.93 -19.28
C ILE A 175 -0.86 7.05 -20.17
N ALA A 176 -0.64 7.37 -21.46
CA ALA A 176 -1.77 7.57 -22.36
C ALA A 176 -2.52 6.26 -22.61
N GLU A 177 -1.81 5.14 -22.73
CA GLU A 177 -2.55 3.91 -22.97
C GLU A 177 -3.39 3.49 -21.76
N SER A 178 -3.11 4.02 -20.57
CA SER A 178 -3.80 3.63 -19.35
C SER A 178 -5.04 4.43 -19.09
N ILE A 179 -5.14 5.65 -19.64
CA ILE A 179 -6.21 6.55 -19.26
C ILE A 179 -7.59 6.02 -19.65
N PRO A 180 -7.78 5.43 -20.83
CA PRO A 180 -9.14 4.98 -21.15
C PRO A 180 -9.59 3.77 -20.35
N TYR A 181 -8.67 2.86 -20.02
CA TYR A 181 -8.98 1.72 -19.17
C TYR A 181 -9.36 2.14 -17.75
N LEU A 182 -8.60 3.07 -17.18
CA LEU A 182 -8.94 3.53 -15.84
C LEU A 182 -10.25 4.30 -15.85
N LYS A 183 -10.43 5.17 -16.84
CA LYS A 183 -11.65 5.98 -16.91
C LYS A 183 -12.89 5.11 -17.13
N GLU A 184 -12.89 4.32 -18.23
CA GLU A 184 -14.00 3.42 -18.51
C GLU A 184 -14.22 2.45 -17.36
N GLY A 185 -13.14 2.02 -16.73
CA GLY A 185 -13.28 1.10 -15.61
C GLY A 185 -14.02 1.72 -14.47
N ILE A 186 -13.59 2.91 -14.05
CA ILE A 186 -14.27 3.57 -12.93
C ILE A 186 -15.71 3.86 -13.31
N GLU A 187 -15.92 4.28 -14.56
CA GLU A 187 -17.26 4.66 -15.02
C GLU A 187 -18.17 3.44 -15.06
N SER A 188 -17.60 2.24 -15.23
CA SER A 188 -18.43 1.04 -15.23
C SER A 188 -19.20 0.85 -13.93
N GLY A 189 -18.70 1.35 -12.81
CA GLY A 189 -19.39 1.07 -11.57
C GLY A 189 -19.37 -0.38 -11.13
N ASP A 190 -18.66 -1.28 -11.82
CA ASP A 190 -18.64 -2.67 -11.35
C ASP A 190 -18.04 -2.77 -9.94
N PRO A 191 -18.38 -3.82 -9.18
CA PRO A 191 -17.74 -4.02 -7.86
C PRO A 191 -16.22 -4.05 -7.97
N GLY A 192 -15.58 -3.31 -7.12
CA GLY A 192 -14.14 -3.24 -7.13
C GLY A 192 -13.55 -2.08 -7.91
N THR A 193 -14.37 -1.28 -8.61
CA THR A 193 -13.84 -0.18 -9.39
C THR A 193 -13.88 1.14 -8.62
N ASP A 194 -14.73 1.26 -7.61
CA ASP A 194 -14.77 2.46 -6.77
C ASP A 194 -13.68 2.36 -5.70
N ASP A 195 -12.43 2.56 -6.12
CA ASP A 195 -11.27 2.48 -5.24
C ASP A 195 -10.38 3.68 -5.46
N GLY A 196 -9.94 4.28 -4.35
CA GLY A 196 -9.09 5.45 -4.40
C GLY A 196 -7.85 5.32 -5.27
N ARG A 197 -7.28 4.11 -5.35
CA ARG A 197 -6.09 3.90 -6.18
C ARG A 197 -6.31 4.30 -7.64
N PHE A 198 -7.52 4.03 -8.16
CA PHE A 198 -7.83 4.21 -9.56
C PHE A 198 -8.16 5.66 -9.87
N TYR A 199 -8.89 6.35 -9.01
CA TYR A 199 -9.02 7.80 -9.15
C TYR A 199 -7.64 8.46 -9.06
N PHE A 200 -6.85 8.03 -8.08
CA PHE A 200 -5.53 8.63 -7.88
C PHE A 200 -4.71 8.57 -9.16
N HIS A 201 -4.58 7.37 -9.72
CA HIS A 201 -3.76 7.19 -10.90
C HIS A 201 -4.41 7.77 -12.15
N LEU A 202 -5.74 7.77 -12.27
CA LEU A 202 -6.37 8.35 -13.46
C LEU A 202 -6.08 9.84 -13.56
N GLY A 203 -6.35 10.59 -12.48
CA GLY A 203 -6.01 12.00 -12.48
C GLY A 203 -4.55 12.29 -12.72
N ASP A 204 -3.67 11.43 -12.19
CA ASP A 204 -2.24 11.68 -12.33
C ASP A 204 -1.80 11.45 -13.77
N ALA A 205 -2.34 10.40 -14.42
CA ALA A 205 -2.04 10.16 -15.83
C ALA A 205 -2.53 11.32 -16.68
N MET A 206 -3.69 11.89 -16.32
CA MET A 206 -4.21 13.03 -17.05
C MET A 206 -3.34 14.27 -16.86
N GLN A 207 -2.94 14.53 -15.62
CA GLN A 207 -1.99 15.61 -15.37
C GLN A 207 -0.73 15.47 -16.23
N ARG A 208 -0.27 14.23 -16.45
CA ARG A 208 1.01 14.03 -17.10
C ARG A 208 0.91 14.31 -18.58
N VAL A 209 -0.24 13.99 -19.17
CA VAL A 209 -0.45 14.22 -20.60
C VAL A 209 -1.02 15.61 -20.90
N GLY A 210 -1.45 16.33 -19.88
CA GLY A 210 -1.90 17.69 -20.08
C GLY A 210 -3.38 17.80 -20.34
N ASN A 211 -4.18 17.13 -19.53
CA ASN A 211 -5.63 17.09 -19.66
C ASN A 211 -6.23 17.76 -18.43
N LYS A 212 -6.88 18.90 -18.63
CA LYS A 212 -7.45 19.68 -17.53
C LYS A 212 -8.67 19.02 -16.92
N GLU A 213 -9.12 17.88 -17.43
CA GLU A 213 -10.14 17.04 -16.77
C GLU A 213 -9.60 16.36 -15.50
N ALA A 214 -8.32 16.46 -15.21
CA ALA A 214 -7.76 15.69 -14.10
C ALA A 214 -8.47 16.02 -12.80
N TYR A 215 -8.61 17.30 -12.52
CA TYR A 215 -9.17 17.65 -11.23
C TYR A 215 -10.67 17.35 -11.13
N LYS A 216 -11.33 17.12 -12.27
CA LYS A 216 -12.67 16.56 -12.23
C LYS A 216 -12.68 15.24 -11.47
N TRP A 217 -11.72 14.37 -11.77
CA TRP A 217 -11.69 13.10 -11.08
C TRP A 217 -11.23 13.23 -9.63
N TYR A 218 -10.28 14.12 -9.35
CA TYR A 218 -9.93 14.35 -7.96
C TYR A 218 -11.15 14.84 -7.18
N GLU A 219 -11.92 15.77 -7.76
CA GLU A 219 -13.16 16.16 -7.10
C GLU A 219 -14.05 14.95 -6.85
N LEU A 220 -14.23 14.10 -7.86
CA LEU A 220 -15.10 12.95 -7.69
C LEU A 220 -14.58 12.02 -6.60
N GLY A 221 -13.32 11.62 -6.70
CA GLY A 221 -12.76 10.80 -5.65
C GLY A 221 -12.96 11.40 -4.26
N HIS A 222 -12.78 12.70 -4.13
CA HIS A 222 -13.12 13.37 -2.89
C HIS A 222 -14.59 13.20 -2.53
N LYS A 223 -15.47 13.36 -3.51
CA LYS A 223 -16.91 13.24 -3.24
C LYS A 223 -17.28 11.84 -2.77
N ARG A 224 -16.58 10.82 -3.27
CA ARG A 224 -16.84 9.45 -2.92
C ARG A 224 -16.00 8.95 -1.73
N GLY A 225 -15.30 9.84 -1.03
CA GLY A 225 -14.65 9.46 0.21
C GLY A 225 -13.27 8.83 0.11
N HIS A 226 -12.58 8.91 -1.02
CA HIS A 226 -11.23 8.32 -1.11
C HIS A 226 -10.11 9.28 -0.71
N PHE A 227 -10.34 10.57 -0.89
CA PHE A 227 -9.36 11.62 -0.70
C PHE A 227 -9.90 12.59 0.35
N ALA A 228 -9.03 13.04 1.27
CA ALA A 228 -9.44 14.02 2.25
C ALA A 228 -9.72 15.38 1.62
N SER A 229 -9.16 15.63 0.46
CA SER A 229 -9.31 16.92 -0.21
C SER A 229 -8.91 16.69 -1.64
N VAL A 230 -9.13 17.69 -2.47
CA VAL A 230 -8.68 17.57 -3.83
C VAL A 230 -7.16 17.66 -3.91
N TRP A 231 -6.53 18.40 -2.99
CA TRP A 231 -5.10 18.58 -2.94
C TRP A 231 -4.34 17.50 -2.14
N GLN A 232 -4.97 16.88 -1.15
CA GLN A 232 -4.34 15.91 -0.27
C GLN A 232 -4.94 14.52 -0.55
N ARG A 233 -4.25 13.74 -1.37
CA ARG A 233 -4.80 12.52 -1.96
C ARG A 233 -4.08 11.27 -1.47
N SER A 234 -3.46 11.34 -0.30
CA SER A 234 -2.89 10.13 0.26
C SER A 234 -3.99 9.11 0.54
N LEU A 235 -3.60 7.82 0.57
CA LEU A 235 -4.53 6.71 0.75
C LEU A 235 -4.37 5.90 2.03
N TYR A 236 -3.29 6.07 2.77
CA TYR A 236 -3.10 5.43 4.07
C TYR A 236 -3.11 6.50 5.14
N ASN A 237 -4.29 6.78 5.67
CA ASN A 237 -4.47 7.96 6.47
C ASN A 237 -5.00 7.59 7.85
N VAL A 238 -4.79 8.50 8.81
CA VAL A 238 -5.54 8.56 10.06
C VAL A 238 -6.39 9.82 9.95
N ASN A 239 -7.71 9.66 10.01
CA ASN A 239 -8.60 10.80 9.81
C ASN A 239 -8.47 11.78 10.97
N GLY A 240 -8.54 13.06 10.66
CA GLY A 240 -8.61 14.08 11.69
C GLY A 240 -7.29 14.77 12.00
N LEU A 241 -6.17 14.30 11.44
CA LEU A 241 -4.90 14.99 11.59
C LEU A 241 -4.94 16.35 10.93
N LYS A 242 -4.40 17.37 11.61
CA LYS A 242 -4.34 18.72 11.01
C LYS A 242 -3.72 18.65 9.61
N ALA A 243 -4.28 19.43 8.69
CA ALA A 243 -3.95 19.33 7.27
C ALA A 243 -3.62 20.71 6.73
N GLN A 244 -2.35 20.95 6.46
CA GLN A 244 -1.92 22.17 5.79
C GLN A 244 -0.65 21.84 5.03
N PRO A 245 -0.44 22.44 3.86
CA PRO A 245 0.71 22.06 3.03
C PRO A 245 2.05 22.40 3.65
N TRP A 246 2.18 23.59 4.24
CA TRP A 246 3.43 24.12 4.79
C TRP A 246 3.30 24.27 6.30
N TRP A 247 4.35 23.87 7.02
CA TRP A 247 4.40 23.96 8.47
C TRP A 247 5.61 24.80 8.91
N THR A 248 5.48 25.40 10.09
CA THR A 248 6.64 25.98 10.75
C THR A 248 7.17 24.98 11.76
N PRO A 249 8.45 25.08 12.17
CA PRO A 249 8.90 24.21 13.28
C PRO A 249 8.04 24.27 14.52
N LYS A 250 7.71 25.47 15.01
CA LYS A 250 6.87 25.53 16.20
C LYS A 250 5.55 24.82 15.97
N GLU A 251 4.91 25.02 14.81
CA GLU A 251 3.66 24.33 14.57
C GLU A 251 3.82 22.83 14.77
N THR A 252 5.01 22.26 14.51
CA THR A 252 5.17 20.82 14.63
C THR A 252 5.56 20.40 16.02
N GLY A 253 6.11 21.31 16.83
CA GLY A 253 6.60 20.93 18.14
C GLY A 253 7.95 20.25 18.16
N TYR A 254 8.55 20.02 17.00
CA TYR A 254 9.83 19.32 16.91
C TYR A 254 10.97 20.32 16.86
N THR A 255 10.85 21.34 17.70
CA THR A 255 11.79 22.43 17.64
C THR A 255 13.22 21.99 18.01
N GLU A 256 13.37 20.97 18.86
CA GLU A 256 14.71 20.53 19.20
C GLU A 256 15.40 19.81 18.05
N LEU A 257 14.68 18.94 17.34
CA LEU A 257 15.21 18.37 16.09
C LEU A 257 15.59 19.48 15.11
N VAL A 258 14.72 20.45 14.91
CA VAL A 258 15.05 21.45 13.89
C VAL A 258 16.30 22.22 14.26
N LYS A 259 16.47 22.54 15.54
CA LYS A 259 17.67 23.24 15.96
C LYS A 259 18.91 22.39 15.76
N SER A 260 18.81 21.11 16.03
CA SER A 260 19.98 20.27 15.84
C SER A 260 20.38 20.18 14.37
N LEU A 261 19.40 20.08 13.47
CA LEU A 261 19.72 20.05 12.05
C LEU A 261 20.36 21.35 11.61
N GLU A 262 19.84 22.48 12.07
CA GLU A 262 20.38 23.74 11.60
C GLU A 262 21.74 24.03 12.24
N ARG A 263 21.93 23.70 13.51
CA ARG A 263 23.19 23.97 14.16
C ARG A 263 24.31 23.12 13.58
N ASN A 264 23.99 21.89 13.19
CA ASN A 264 24.98 20.90 12.77
C ASN A 264 24.89 20.60 11.30
N TRP A 265 24.35 21.52 10.52
CA TRP A 265 24.09 21.25 9.12
C TRP A 265 25.38 20.92 8.35
N LYS A 266 26.50 21.54 8.72
N LYS A 266 26.50 21.55 8.71
CA LYS A 266 27.71 21.38 7.92
CA LYS A 266 27.68 21.37 7.89
C LYS A 266 28.26 19.98 8.04
C LYS A 266 28.27 19.98 8.05
N LEU A 267 28.11 19.32 9.21
CA LEU A 267 28.62 17.96 9.32
C LEU A 267 27.78 16.99 8.50
N ILE A 268 26.49 17.29 8.36
CA ILE A 268 25.57 16.52 7.52
C ILE A 268 25.92 16.71 6.05
N ARG A 269 26.04 17.95 5.61
CA ARG A 269 26.51 18.23 4.28
C ARG A 269 27.79 17.48 3.95
N ASP A 270 28.80 17.61 4.81
CA ASP A 270 30.13 17.12 4.49
C ASP A 270 30.13 15.60 4.33
N GLU A 271 29.38 14.92 5.18
CA GLU A 271 29.29 13.46 5.02
C GLU A 271 28.56 13.08 3.75
N GLY A 272 27.58 13.87 3.32
CA GLY A 272 26.93 13.60 2.02
C GLY A 272 27.87 13.81 0.82
N LEU A 273 28.62 14.90 0.82
CA LEU A 273 29.60 15.14 -0.23
C LEU A 273 30.68 14.07 -0.23
N ALA A 274 31.11 13.62 0.94
CA ALA A 274 32.08 12.54 0.97
C ALA A 274 31.54 11.29 0.30
N VAL A 275 30.25 10.97 0.52
CA VAL A 275 29.66 9.81 -0.15
C VAL A 275 29.53 10.09 -1.65
N MET A 276 29.20 11.32 -2.04
CA MET A 276 29.10 11.58 -3.47
C MET A 276 30.45 11.35 -4.14
N ASP A 277 31.54 11.71 -3.44
CA ASP A 277 32.86 11.67 -4.05
C ASP A 277 33.50 10.30 -4.02
N LYS A 278 33.28 9.53 -2.93
CA LYS A 278 34.02 8.29 -2.69
C LYS A 278 33.15 7.02 -2.62
N ALA A 279 31.84 7.16 -2.64
CA ALA A 279 30.93 6.04 -2.49
C ALA A 279 29.60 6.34 -3.20
N LYS A 280 29.68 6.82 -4.44
CA LYS A 280 28.49 7.35 -5.11
C LYS A 280 27.44 6.28 -5.37
N GLY A 281 27.84 5.01 -5.42
CA GLY A 281 26.89 3.94 -5.51
C GLY A 281 25.86 3.89 -4.40
N LEU A 282 26.12 4.51 -3.25
CA LEU A 282 25.13 4.54 -2.17
C LEU A 282 23.94 5.43 -2.51
N PHE A 283 24.08 6.28 -3.53
CA PHE A 283 22.99 7.11 -4.03
C PHE A 283 22.32 6.34 -5.16
N LEU A 284 21.11 5.93 -4.95
CA LEU A 284 20.29 5.14 -5.83
C LEU A 284 19.34 6.04 -6.60
N PRO A 285 19.21 5.86 -7.90
CA PRO A 285 18.25 6.65 -8.66
C PRO A 285 16.81 6.47 -8.19
N GLU A 286 16.07 7.57 -8.24
CA GLU A 286 14.67 7.50 -7.88
C GLU A 286 14.01 6.46 -8.77
N ASP A 287 13.16 5.61 -8.20
CA ASP A 287 12.60 4.52 -9.00
C ASP A 287 11.11 4.33 -8.75
N GLU A 288 10.37 5.43 -8.56
CA GLU A 288 8.91 5.40 -8.45
C GLU A 288 8.20 6.11 -9.62
N ASN A 289 8.88 6.22 -10.77
CA ASN A 289 8.36 6.92 -11.96
C ASN A 289 7.81 8.32 -11.67
N LEU A 290 8.50 9.07 -10.83
CA LEU A 290 8.08 10.42 -10.49
C LEU A 290 8.78 11.49 -11.33
N ARG A 291 9.76 11.13 -12.13
CA ARG A 291 10.51 12.14 -12.88
C ARG A 291 9.98 12.28 -14.28
N GLU A 292 9.70 13.50 -14.68
CA GLU A 292 9.52 13.73 -16.11
C GLU A 292 10.85 13.61 -16.83
N LYS A 293 11.90 14.22 -16.28
CA LYS A 293 13.21 14.20 -16.90
C LYS A 293 14.25 14.52 -15.85
N GLY A 294 15.48 14.19 -16.14
CA GLY A 294 16.59 14.61 -15.30
C GLY A 294 17.13 13.50 -14.42
N ASP A 295 17.95 13.89 -13.43
CA ASP A 295 18.70 12.99 -12.56
C ASP A 295 18.44 13.37 -11.11
N TRP A 296 18.08 12.36 -10.31
CA TRP A 296 17.54 12.47 -8.94
C TRP A 296 17.83 11.16 -8.23
N SER A 297 18.66 11.21 -7.21
CA SER A 297 19.11 10.03 -6.49
C SER A 297 19.06 10.30 -4.97
N GLN A 298 18.84 9.24 -4.24
CA GLN A 298 18.75 9.32 -2.79
C GLN A 298 19.66 8.29 -2.10
N PHE A 299 20.25 8.71 -0.98
CA PHE A 299 21.10 7.91 -0.11
C PHE A 299 20.37 7.83 1.24
N THR A 300 19.81 6.65 1.55
CA THR A 300 18.87 6.48 2.65
C THR A 300 19.56 5.87 3.85
N LEU A 301 19.37 6.51 5.01
CA LEU A 301 19.93 6.06 6.28
C LEU A 301 18.93 5.28 7.11
N TRP A 302 17.64 5.66 7.08
CA TRP A 302 16.59 4.95 7.78
C TRP A 302 15.41 4.80 6.85
N GLN A 303 14.76 3.65 6.92
CA GLN A 303 13.48 3.53 6.24
C GLN A 303 12.60 2.62 7.08
N GLN A 304 11.31 2.91 7.06
CA GLN A 304 10.33 2.15 7.86
C GLN A 304 10.75 2.00 9.32
N GLY A 305 11.41 3.04 9.82
CA GLY A 305 11.85 3.04 11.20
C GLY A 305 13.04 2.18 11.50
N ARG A 306 13.79 1.76 10.50
CA ARG A 306 14.91 0.84 10.62
C ARG A 306 16.17 1.45 10.02
N ARG A 307 17.23 1.49 10.84
CA ARG A 307 18.53 2.04 10.45
C ARG A 307 19.20 1.08 9.49
N ASN A 308 19.71 1.61 8.36
CA ASN A 308 20.54 0.84 7.43
C ASN A 308 21.98 0.94 7.89
N GLU A 309 22.48 -0.14 8.52
CA GLU A 309 23.78 -0.08 9.15
C GLU A 309 24.89 0.15 8.15
N ASN A 310 24.80 -0.47 6.96
CA ASN A 310 25.85 -0.22 5.98
C ASN A 310 25.83 1.22 5.47
N ALA A 311 24.65 1.75 5.22
CA ALA A 311 24.56 3.13 4.79
C ALA A 311 25.07 4.06 5.87
N CYS A 312 24.73 3.80 7.14
CA CYS A 312 25.21 4.65 8.21
C CYS A 312 26.73 4.58 8.38
N LYS A 313 27.39 3.56 7.81
CA LYS A 313 28.85 3.61 7.77
C LYS A 313 29.35 4.75 6.91
N GLY A 314 28.55 5.18 5.94
CA GLY A 314 28.96 6.25 5.09
C GLY A 314 28.61 7.61 5.59
N ALA A 315 27.81 7.69 6.66
CA ALA A 315 27.45 8.97 7.25
C ALA A 315 27.35 8.73 8.77
N PRO A 316 28.47 8.39 9.40
CA PRO A 316 28.36 7.91 10.79
C PRO A 316 27.99 8.97 11.81
N LYS A 317 28.55 10.17 11.67
CA LYS A 317 28.25 11.25 12.60
C LYS A 317 26.82 11.71 12.42
N THR A 318 26.32 11.73 11.18
CA THR A 318 24.95 12.13 10.96
C THR A 318 23.99 11.14 11.60
N CYS A 319 24.32 9.85 11.53
CA CYS A 319 23.47 8.82 12.11
C CYS A 319 23.51 8.86 13.62
N THR A 320 24.70 9.07 14.22
CA THR A 320 24.81 9.35 15.66
C THR A 320 23.93 10.53 16.08
N LEU A 321 23.98 11.62 15.33
CA LEU A 321 23.20 12.79 15.70
C LEU A 321 21.71 12.49 15.70
N LEU A 322 21.22 11.80 14.67
CA LEU A 322 19.80 11.58 14.47
C LEU A 322 19.25 10.60 15.49
N GLU A 323 20.11 9.78 16.08
CA GLU A 323 19.65 8.73 16.98
C GLU A 323 18.93 9.32 18.18
N LYS A 324 19.28 10.54 18.55
CA LYS A 324 18.68 11.22 19.68
C LYS A 324 17.24 11.63 19.42
N PHE A 325 16.71 11.39 18.23
CA PHE A 325 15.40 11.92 17.83
C PHE A 325 14.51 10.80 17.32
N PRO A 326 13.86 10.10 18.23
CA PRO A 326 12.99 8.99 17.81
C PRO A 326 11.75 9.46 17.08
N GLU A 327 11.39 10.73 17.18
CA GLU A 327 10.28 11.20 16.37
C GLU A 327 10.57 11.03 14.87
N THR A 328 11.85 10.90 14.49
CA THR A 328 12.16 10.58 13.09
C THR A 328 12.69 9.16 12.91
N THR A 329 13.67 8.72 13.71
CA THR A 329 14.22 7.39 13.53
C THR A 329 13.20 6.28 13.74
N GLY A 330 12.10 6.56 14.44
CA GLY A 330 11.03 5.60 14.61
C GLY A 330 9.80 5.93 13.80
N CYS A 331 9.86 6.91 12.92
CA CYS A 331 8.77 7.16 11.98
C CYS A 331 8.77 6.00 10.99
N ARG A 332 7.90 5.00 11.23
CA ARG A 332 7.88 3.81 10.38
C ARG A 332 7.11 4.02 9.09
N ARG A 333 6.55 5.20 8.88
CA ARG A 333 5.96 5.61 7.63
C ARG A 333 6.78 6.74 6.98
N GLY A 334 8.09 6.79 7.24
CA GLY A 334 8.94 7.81 6.66
C GLY A 334 10.34 7.29 6.44
N GLN A 335 11.20 8.18 5.96
CA GLN A 335 12.59 7.83 5.75
C GLN A 335 13.45 8.98 6.24
N ILE A 336 14.74 8.70 6.38
CA ILE A 336 15.80 9.67 6.55
C ILE A 336 16.83 9.43 5.46
N LYS A 337 17.08 10.45 4.61
CA LYS A 337 17.86 10.28 3.40
C LYS A 337 18.43 11.56 2.83
N TYR A 338 19.59 11.46 2.21
CA TYR A 338 20.04 12.57 1.40
C TYR A 338 19.41 12.47 0.02
N SER A 339 19.14 13.63 -0.60
CA SER A 339 18.58 13.66 -1.94
C SER A 339 19.32 14.64 -2.83
N ILE A 340 19.85 14.16 -3.96
CA ILE A 340 20.60 14.98 -4.88
C ILE A 340 19.78 15.09 -6.14
N MET A 341 19.65 16.30 -6.64
CA MET A 341 18.97 16.57 -7.91
C MET A 341 19.83 17.45 -8.81
N HIS A 342 19.93 17.12 -10.09
CA HIS A 342 20.80 17.85 -10.96
C HIS A 342 20.03 18.67 -11.99
N PRO A 343 20.68 19.63 -12.66
CA PRO A 343 19.93 20.51 -13.54
C PRO A 343 19.24 19.71 -14.64
N GLY A 344 18.17 20.28 -15.16
CA GLY A 344 17.39 19.62 -16.16
C GLY A 344 16.43 18.61 -15.62
N THR A 345 16.07 18.71 -14.32
CA THR A 345 15.17 17.77 -13.67
C THR A 345 13.86 18.45 -13.37
N HIS A 346 12.75 17.78 -13.70
CA HIS A 346 11.40 18.17 -13.32
C HIS A 346 10.75 16.93 -12.75
N VAL A 347 10.30 17.01 -11.50
CA VAL A 347 9.58 15.94 -10.83
C VAL A 347 8.11 16.22 -11.01
N TRP A 348 7.38 15.27 -11.61
CA TRP A 348 5.95 15.41 -11.84
C TRP A 348 5.22 15.79 -10.55
N PRO A 349 4.12 16.54 -10.64
CA PRO A 349 3.25 16.66 -9.48
C PRO A 349 2.94 15.27 -8.94
N HIS A 350 2.97 15.13 -7.63
CA HIS A 350 2.68 13.84 -7.03
C HIS A 350 2.37 14.06 -5.56
N THR A 351 1.97 12.97 -4.91
CA THR A 351 1.50 12.91 -3.54
C THR A 351 2.12 11.69 -2.91
N GLY A 352 2.58 11.80 -1.67
CA GLY A 352 3.03 10.63 -0.96
C GLY A 352 1.85 9.77 -0.49
N PRO A 353 2.16 8.61 0.10
CA PRO A 353 1.10 7.65 0.40
C PRO A 353 0.28 7.92 1.67
N THR A 354 0.78 8.67 2.63
CA THR A 354 0.19 8.69 3.97
C THR A 354 0.18 10.07 4.56
N ASN A 355 -0.88 10.41 5.32
CA ASN A 355 -0.95 11.73 5.93
C ASN A 355 -0.36 11.74 7.33
N CYS A 356 0.21 10.63 7.74
CA CYS A 356 0.77 10.36 9.03
C CYS A 356 2.19 10.84 9.20
N ARG A 357 2.83 11.41 8.18
CA ARG A 357 4.14 11.98 8.35
C ARG A 357 4.15 13.42 7.89
N LEU A 358 5.09 14.17 8.39
CA LEU A 358 5.49 15.45 7.82
C LEU A 358 6.93 15.32 7.31
N ARG A 359 7.27 16.07 6.27
CA ARG A 359 8.60 15.98 5.65
C ARG A 359 9.43 17.23 5.92
N MET A 360 10.58 17.05 6.57
CA MET A 360 11.54 18.13 6.74
C MET A 360 12.63 18.07 5.67
N HIS A 361 13.00 19.22 5.13
CA HIS A 361 14.11 19.34 4.19
C HIS A 361 15.14 20.30 4.77
N LEU A 362 16.38 19.85 4.94
CA LEU A 362 17.50 20.65 5.37
C LEU A 362 18.38 20.97 4.14
N GLY A 363 18.52 22.25 3.84
CA GLY A 363 19.32 22.68 2.71
C GLY A 363 20.78 22.43 3.00
N LEU A 364 21.48 21.77 2.05
CA LEU A 364 22.92 21.47 2.21
C LEU A 364 23.81 22.11 1.15
N VAL A 365 23.55 21.93 -0.13
CA VAL A 365 24.19 22.66 -1.21
C VAL A 365 23.05 23.13 -2.12
N ILE A 366 22.77 24.44 -2.08
CA ILE A 366 21.61 25.01 -2.79
C ILE A 366 22.12 26.03 -3.80
N PRO A 367 22.07 25.78 -5.10
CA PRO A 367 22.55 26.78 -6.05
C PRO A 367 21.73 28.06 -5.93
N LYS A 368 22.33 29.19 -6.30
CA LYS A 368 21.68 30.49 -6.03
C LYS A 368 20.35 30.64 -6.76
N GLU A 369 20.23 30.09 -7.97
CA GLU A 369 19.00 30.18 -8.74
C GLU A 369 18.68 28.84 -9.39
N GLY A 370 17.40 28.66 -9.69
CA GLY A 370 16.90 27.58 -10.51
C GLY A 370 16.25 26.41 -9.78
N CYS A 371 16.24 26.38 -8.44
CA CYS A 371 15.71 25.24 -7.69
C CYS A 371 14.49 25.73 -6.93
N LYS A 372 13.37 25.05 -7.08
CA LYS A 372 12.20 25.38 -6.26
C LYS A 372 11.31 24.18 -6.07
N ILE A 373 10.41 24.28 -5.08
CA ILE A 373 9.49 23.21 -4.72
C ILE A 373 8.12 23.83 -4.45
N ARG A 374 7.10 23.37 -5.18
CA ARG A 374 5.71 23.74 -4.95
C ARG A 374 5.01 22.68 -4.10
N CYS A 375 4.29 23.10 -3.07
CA CYS A 375 3.37 22.24 -2.35
C CYS A 375 2.01 22.91 -2.36
N ALA A 376 1.04 22.27 -3.00
CA ALA A 376 -0.33 22.80 -3.16
C ALA A 376 -0.21 24.04 -4.02
N ASN A 377 -0.63 25.21 -3.56
CA ASN A 377 -0.59 26.41 -4.38
C ASN A 377 0.60 27.32 -4.08
N GLU A 378 1.53 26.91 -3.22
CA GLU A 378 2.66 27.74 -2.81
C GLU A 378 4.01 27.07 -3.12
N THR A 379 4.85 27.84 -3.78
CA THR A 379 6.20 27.47 -4.18
C THR A 379 7.18 28.15 -3.25
N LYS A 380 8.22 27.42 -2.83
CA LYS A 380 9.26 27.94 -1.97
C LYS A 380 10.63 27.50 -2.50
N THR A 381 11.67 28.11 -1.95
CA THR A 381 13.04 27.79 -2.26
C THR A 381 13.70 27.22 -1.01
N TRP A 382 14.76 26.45 -1.18
CA TRP A 382 15.56 26.05 -0.02
C TRP A 382 16.63 27.08 0.30
N GLU A 383 17.20 26.94 1.51
CA GLU A 383 18.32 27.75 1.98
C GLU A 383 19.34 26.84 2.67
N GLU A 384 20.61 27.04 2.37
CA GLU A 384 21.66 26.28 3.02
C GLU A 384 21.59 26.50 4.52
N GLY A 385 21.53 25.41 5.26
CA GLY A 385 21.49 25.45 6.71
C GLY A 385 20.12 25.62 7.33
N LYS A 386 19.06 25.66 6.54
CA LYS A 386 17.73 25.94 7.06
C LYS A 386 16.78 24.83 6.67
N VAL A 387 15.77 24.66 7.50
CA VAL A 387 14.80 23.60 7.36
C VAL A 387 13.51 24.19 6.85
N LEU A 388 12.92 23.55 5.86
CA LEU A 388 11.55 23.74 5.39
C LEU A 388 10.79 22.47 5.77
N ILE A 389 9.50 22.60 6.09
CA ILE A 389 8.62 21.50 6.48
C ILE A 389 7.34 21.55 5.66
N PHE A 390 7.00 20.44 5.00
CA PHE A 390 5.74 20.38 4.25
C PHE A 390 5.09 19.03 4.50
N ASP A 391 3.80 18.97 4.26
CA ASP A 391 3.06 17.71 4.31
C ASP A 391 3.04 17.16 2.88
N ASP A 392 3.80 16.10 2.63
CA ASP A 392 3.94 15.58 1.28
C ASP A 392 2.74 14.71 0.88
N SER A 393 1.72 14.61 1.73
CA SER A 393 0.45 14.06 1.27
C SER A 393 -0.35 15.06 0.45
N PHE A 394 -0.01 16.33 0.53
CA PHE A 394 -0.45 17.28 -0.49
C PHE A 394 0.36 17.14 -1.77
N GLU A 395 -0.30 17.36 -2.90
CA GLU A 395 0.39 17.45 -4.17
C GLU A 395 1.59 18.39 -4.16
N HIS A 396 2.70 17.95 -4.74
CA HIS A 396 3.89 18.77 -4.76
C HIS A 396 4.73 18.43 -5.97
N GLU A 397 5.64 19.35 -6.30
CA GLU A 397 6.32 19.36 -7.57
C GLU A 397 7.65 20.06 -7.41
N VAL A 398 8.65 19.61 -8.13
CA VAL A 398 10.01 20.13 -7.98
C VAL A 398 10.66 20.37 -9.33
N TRP A 399 11.42 21.45 -9.42
CA TRP A 399 12.20 21.86 -10.56
C TRP A 399 13.68 22.06 -10.17
N GLN A 400 14.55 21.68 -11.07
CA GLN A 400 15.97 21.92 -10.91
C GLN A 400 16.50 22.44 -12.23
N ASP A 401 16.67 23.74 -12.32
CA ASP A 401 17.18 24.40 -13.50
C ASP A 401 18.42 25.25 -13.19
N ALA A 402 19.27 24.81 -12.27
CA ALA A 402 20.47 25.57 -11.95
C ALA A 402 21.59 25.17 -12.92
N SER A 403 22.86 25.44 -12.57
CA SER A 403 24.01 25.06 -13.36
C SER A 403 24.94 24.18 -12.55
N SER A 404 24.43 23.55 -11.49
CA SER A 404 25.26 22.66 -10.68
C SER A 404 24.30 21.91 -9.77
N PHE A 405 24.81 20.97 -9.00
CA PHE A 405 23.97 20.06 -8.21
C PHE A 405 23.32 20.74 -7.00
N ARG A 406 22.19 20.18 -6.60
CA ARG A 406 21.45 20.59 -5.40
C ARG A 406 21.33 19.41 -4.45
N LEU A 407 21.90 19.54 -3.26
CA LEU A 407 21.83 18.50 -2.25
C LEU A 407 20.98 18.95 -1.06
N ILE A 408 20.06 18.10 -0.65
CA ILE A 408 19.28 18.31 0.56
C ILE A 408 19.30 17.08 1.45
N PHE A 409 18.93 17.28 2.71
CA PHE A 409 18.75 16.21 3.68
C PHE A 409 17.27 16.13 4.04
N ILE A 410 16.71 14.92 3.94
CA ILE A 410 15.27 14.70 4.14
C ILE A 410 15.05 13.89 5.41
N VAL A 411 14.22 14.42 6.31
CA VAL A 411 13.95 13.84 7.62
C VAL A 411 12.44 13.79 7.80
N ASP A 412 11.87 12.59 7.77
CA ASP A 412 10.44 12.41 7.98
C ASP A 412 10.13 12.30 9.46
N VAL A 413 9.08 13.00 9.92
CA VAL A 413 8.65 12.87 11.32
C VAL A 413 7.19 12.44 11.38
N TRP A 414 6.84 11.71 12.45
CA TRP A 414 5.45 11.41 12.77
C TRP A 414 4.62 12.69 12.85
N HIS A 415 3.46 12.69 12.21
CA HIS A 415 2.54 13.81 12.39
C HIS A 415 2.36 14.09 13.88
N PRO A 416 2.49 15.35 14.32
CA PRO A 416 2.56 15.62 15.76
C PRO A 416 1.31 15.24 16.52
N GLU A 417 0.16 15.23 15.87
CA GLU A 417 -1.06 14.89 16.60
C GLU A 417 -1.29 13.39 16.72
N LEU A 418 -0.38 12.55 16.24
CA LEU A 418 -0.54 11.11 16.42
C LEU A 418 -0.06 10.72 17.82
N THR A 419 -0.86 9.90 18.51
CA THR A 419 -0.56 9.53 19.89
C THR A 419 0.56 8.50 19.89
N PRO A 420 1.25 8.32 21.02
CA PRO A 420 2.24 7.23 21.10
C PRO A 420 1.67 5.87 20.76
N GLN A 421 0.40 5.66 21.08
CA GLN A 421 -0.25 4.39 20.75
C GLN A 421 -0.25 4.16 19.24
N GLN A 422 -0.73 5.15 18.49
CA GLN A 422 -0.78 5.07 17.03
C GLN A 422 0.61 4.89 16.42
N ARG A 423 1.61 5.57 16.96
CA ARG A 423 2.97 5.45 16.40
C ARG A 423 3.55 4.06 16.64
N ARG A 424 3.13 3.36 17.69
CA ARG A 424 3.61 1.99 17.90
C ARG A 424 2.88 1.01 16.99
N SER A 425 1.67 1.34 16.58
CA SER A 425 0.75 0.35 16.01
C SER A 425 0.55 0.48 14.51
N LEU A 426 0.52 1.71 13.97
CA LEU A 426 0.32 1.85 12.53
C LEU A 426 1.25 0.90 11.77
N PRO A 427 0.75 0.20 10.77
CA PRO A 427 1.64 -0.61 9.93
C PRO A 427 2.63 0.28 9.18
N ALA A 428 3.83 -0.26 8.97
CA ALA A 428 4.88 0.48 8.31
C ALA A 428 4.54 0.70 6.86
N ILE A 429 5.11 1.77 6.32
CA ILE A 429 4.97 2.11 4.92
C ILE A 429 6.33 2.60 4.41
N GLY B 14 9.44 -3.89 -3.46
CA GLY B 14 8.80 -2.69 -3.96
C GLY B 14 7.97 -1.99 -2.89
N LYS B 15 8.43 -0.80 -2.47
CA LYS B 15 7.83 -0.07 -1.36
C LYS B 15 7.39 1.32 -1.83
N CYS B 16 6.40 1.88 -1.14
CA CYS B 16 5.91 3.24 -1.39
C CYS B 16 6.76 4.18 -0.54
N LYS B 17 7.69 4.88 -1.15
CA LYS B 17 8.53 5.81 -0.41
C LYS B 17 8.04 7.23 -0.57
N ASP B 18 8.18 7.80 -1.76
CA ASP B 18 7.65 9.15 -2.03
C ASP B 18 6.28 9.13 -2.71
N GLY B 19 5.87 7.99 -3.25
CA GLY B 19 4.66 7.91 -4.03
C GLY B 19 3.71 6.78 -3.67
N LEU B 20 2.74 6.56 -4.57
CA LEU B 20 1.65 5.62 -4.34
C LEU B 20 1.56 4.67 -5.49
N GLY B 21 2.71 4.20 -5.95
CA GLY B 21 2.80 3.47 -7.18
C GLY B 21 2.59 1.99 -7.05
N GLU B 22 2.73 1.44 -5.86
CA GLU B 22 2.47 0.02 -5.66
C GLU B 22 0.98 -0.26 -5.47
N TYR B 23 0.59 -1.49 -5.79
CA TYR B 23 -0.80 -1.86 -5.60
C TYR B 23 -1.18 -1.75 -4.12
N THR B 24 -0.31 -2.24 -3.23
CA THR B 24 -0.50 -2.06 -1.80
C THR B 24 0.80 -1.61 -1.17
N CYS B 25 0.70 -0.63 -0.28
CA CYS B 25 1.89 -0.06 0.35
C CYS B 25 2.25 -0.66 1.70
N THR B 26 1.34 -1.39 2.34
CA THR B 26 1.62 -2.02 3.62
C THR B 26 1.74 -3.52 3.42
N SER B 27 2.34 -4.18 4.38
CA SER B 27 2.58 -5.61 4.30
C SER B 27 1.78 -6.37 5.33
N LEU B 28 0.62 -6.86 4.89
CA LEU B 28 -0.15 -7.88 5.57
C LEU B 28 0.67 -8.97 6.27
N GLU B 29 0.61 -9.01 7.58
CA GLU B 29 1.32 -10.02 8.36
C GLU B 29 0.47 -10.49 9.51
N GLY B 30 -0.85 -10.37 9.39
CA GLY B 30 -1.75 -11.05 10.30
C GLY B 30 -2.63 -10.20 11.18
N PHE B 31 -2.90 -10.72 12.38
CA PHE B 31 -3.63 -10.03 13.43
C PHE B 31 -2.75 -9.07 14.23
#